data_6JVI
#
_entry.id   6JVI
#
_cell.length_a   59.084
_cell.length_b   67.080
_cell.length_c   80.698
_cell.angle_alpha   90.000
_cell.angle_beta   90.000
_cell.angle_gamma   90.000
#
_symmetry.space_group_name_H-M   'P 21 21 21'
#
loop_
_entity.id
_entity.type
_entity.pdbx_description
1 polymer '7,8-dihydro-8-oxoguanine triphosphatase'
2 non-polymer (4R)-4-(2-methoxyphenyl)-4,6,7,8-tetrahydroquinoline-2,5(1H,3H)-dione
3 non-polymer 'SULFATE ION'
4 water water
#
_entity_poly.entity_id   1
_entity_poly.type   'polypeptide(L)'
_entity_poly.pdbx_seq_one_letter_code
;MGASRLYTLVLVLQPQRVLLGMKKRGFGAGRWNGFGGKVQEGETIEDGARRELQEESGLTVDALHKVGQIVFEFVGEPEL
MDVHVFCTDSIQGTPVESDEMRPCWFQLDQIPFKDMWPDDSYWFPLLLQKKKFHGYFKFQGQDTILDYTLREVDTV
;
_entity_poly.pdbx_strand_id   A,B
#
# COMPACT_ATOMS: atom_id res chain seq x y z
N ALA A 3 13.91 -11.91 -8.65
CA ALA A 3 15.32 -11.89 -8.24
C ALA A 3 15.59 -10.72 -7.29
N SER A 4 15.78 -11.04 -6.02
CA SER A 4 15.97 -10.04 -5.00
C SER A 4 17.31 -10.21 -4.30
N ARG A 5 17.72 -9.15 -3.64
CA ARG A 5 18.93 -9.12 -2.84
C ARG A 5 18.54 -8.61 -1.47
N LEU A 6 19.07 -9.25 -0.45
CA LEU A 6 18.69 -8.95 0.92
C LEU A 6 19.46 -7.75 1.47
N TYR A 7 18.73 -6.88 2.17
CA TYR A 7 19.27 -5.73 2.88
C TYR A 7 18.68 -5.68 4.28
N THR A 8 19.37 -4.98 5.17
CA THR A 8 18.85 -4.71 6.51
C THR A 8 18.78 -3.20 6.69
N LEU A 9 17.81 -2.78 7.51
CA LEU A 9 17.64 -1.40 7.89
C LEU A 9 17.24 -1.36 9.36
N VAL A 10 17.97 -0.59 10.15
CA VAL A 10 17.84 -0.60 11.60
C VAL A 10 17.55 0.83 12.06
N LEU A 11 16.45 0.98 12.79
CA LEU A 11 16.06 2.24 13.38
C LEU A 11 16.18 2.11 14.89
N VAL A 12 17.04 2.92 15.49
CA VAL A 12 17.14 3.05 16.93
C VAL A 12 16.09 4.05 17.38
N LEU A 13 15.04 3.56 18.04
CA LEU A 13 13.86 4.35 18.34
C LEU A 13 13.63 4.34 19.84
N GLN A 14 13.90 5.46 20.48
CA GLN A 14 13.70 5.66 21.90
C GLN A 14 12.46 6.52 22.13
N PRO A 15 11.85 6.42 23.34
CA PRO A 15 10.60 7.16 23.63
C PRO A 15 10.43 8.53 22.98
N GLN A 16 11.47 9.37 22.99
CA GLN A 16 11.32 10.72 22.46
C GLN A 16 12.18 11.02 21.24
N ARG A 17 12.92 10.05 20.72
CA ARG A 17 13.91 10.42 19.72
C ARG A 17 14.32 9.20 18.91
N VAL A 18 14.83 9.44 17.72
CA VAL A 18 15.25 8.39 16.80
C VAL A 18 16.62 8.74 16.26
N LEU A 19 17.48 7.73 16.14
CA LEU A 19 18.84 7.93 15.65
C LEU A 19 18.86 7.75 14.14
N LEU A 20 19.38 8.76 13.44
CA LEU A 20 19.49 8.65 12.00
C LEU A 20 20.95 8.91 11.62
N GLY A 21 21.33 8.44 10.44
CA GLY A 21 22.68 8.66 9.99
C GLY A 21 22.74 9.35 8.63
N MET A 22 23.57 10.38 8.55
CA MET A 22 23.78 11.12 7.32
C MET A 22 24.75 10.35 6.44
N LYS A 23 24.27 9.90 5.27
CA LYS A 23 25.08 9.14 4.35
C LYS A 23 26.13 10.05 3.73
N LYS A 24 27.40 9.69 3.87
CA LYS A 24 28.44 10.65 3.50
C LYS A 24 28.95 10.46 2.08
N ARG A 25 28.88 9.26 1.53
CA ARG A 25 29.41 9.00 0.20
C ARG A 25 28.61 7.86 -0.42
N GLY A 26 28.74 7.73 -1.75
CA GLY A 26 28.10 6.63 -2.43
C GLY A 26 26.64 6.91 -2.74
N PHE A 27 25.92 5.82 -3.01
CA PHE A 27 24.49 5.88 -3.30
C PHE A 27 23.72 6.50 -2.13
N GLY A 28 22.83 7.45 -2.44
CA GLY A 28 22.01 8.06 -1.42
C GLY A 28 22.74 9.01 -0.50
N ALA A 29 23.95 9.45 -0.87
CA ALA A 29 24.70 10.36 -0.03
C ALA A 29 23.98 11.71 0.06
N GLY A 30 23.97 12.29 1.26
CA GLY A 30 23.27 13.54 1.50
C GLY A 30 21.89 13.36 2.12
N ARG A 31 21.45 12.13 2.33
CA ARG A 31 20.18 11.83 2.96
C ARG A 31 20.43 11.19 4.32
N TRP A 32 19.50 11.45 5.25
CA TRP A 32 19.48 10.72 6.50
C TRP A 32 18.71 9.44 6.33
N ASN A 33 19.12 8.41 7.06
CA ASN A 33 18.46 7.12 7.00
C ASN A 33 18.85 6.34 8.24
N GLY A 34 18.11 5.25 8.47
CA GLY A 34 18.51 4.26 9.44
C GLY A 34 19.78 3.58 8.98
N PHE A 35 20.34 2.74 9.84
CA PHE A 35 21.61 2.10 9.53
C PHE A 35 21.37 0.73 8.92
N GLY A 36 22.18 0.33 7.96
CA GLY A 36 21.96 -0.95 7.31
C GLY A 36 22.69 -1.07 5.99
N GLY A 37 22.44 -2.18 5.32
CA GLY A 37 23.14 -2.47 4.09
C GLY A 37 22.94 -3.91 3.64
N LYS A 38 23.79 -4.30 2.68
CA LYS A 38 23.69 -5.63 2.09
C LYS A 38 23.96 -6.71 3.13
N VAL A 39 23.16 -7.76 3.09
CA VAL A 39 23.41 -8.94 3.88
C VAL A 39 24.43 -9.81 3.14
N GLN A 40 25.43 -10.28 3.86
CA GLN A 40 26.50 -11.07 3.29
C GLN A 40 26.20 -12.55 3.42
N GLU A 41 26.93 -13.35 2.67
CA GLU A 41 26.87 -14.78 2.88
C GLU A 41 27.56 -15.15 4.18
N GLY A 42 26.99 -16.13 4.87
CA GLY A 42 27.51 -16.60 6.13
C GLY A 42 26.97 -15.90 7.35
N GLU A 43 26.02 -14.96 7.21
CA GLU A 43 25.40 -14.29 8.34
C GLU A 43 23.89 -14.35 8.20
N THR A 44 23.20 -14.46 9.33
CA THR A 44 21.75 -14.30 9.28
C THR A 44 21.40 -12.85 8.89
N ILE A 45 20.14 -12.65 8.51
CA ILE A 45 19.67 -11.30 8.23
C ILE A 45 19.85 -10.41 9.46
N GLU A 46 19.55 -10.94 10.65
CA GLU A 46 19.66 -10.13 11.85
C GLU A 46 21.13 -9.93 12.24
N ASP A 47 21.98 -10.95 12.02
CA ASP A 47 23.44 -10.74 12.11
C ASP A 47 23.86 -9.58 11.23
N GLY A 48 23.47 -9.62 9.96
CA GLY A 48 23.80 -8.53 9.06
C GLY A 48 23.35 -7.19 9.59
N ALA A 49 22.16 -7.15 10.20
CA ALA A 49 21.66 -5.89 10.75
C ALA A 49 22.54 -5.38 11.90
N ARG A 50 22.96 -6.27 12.82
CA ARG A 50 23.81 -5.79 13.91
C ARG A 50 25.18 -5.39 13.40
N ARG A 51 25.70 -6.14 12.42
CA ARG A 51 27.01 -5.82 11.87
C ARG A 51 26.97 -4.44 11.20
N GLU A 52 25.94 -4.18 10.39
CA GLU A 52 25.83 -2.88 9.75
C GLU A 52 25.63 -1.76 10.77
N LEU A 53 24.84 -2.01 11.81
CA LEU A 53 24.61 -0.95 12.81
C LEU A 53 25.91 -0.62 13.55
N GLN A 54 26.71 -1.64 13.84
CA GLN A 54 28.00 -1.45 14.50
C GLN A 54 29.00 -0.76 13.57
N GLU A 55 29.11 -1.24 12.33
CA GLU A 55 30.06 -0.65 11.39
C GLU A 55 29.77 0.82 11.15
N GLU A 56 28.48 1.20 11.11
CA GLU A 56 28.15 2.55 10.71
C GLU A 56 27.95 3.50 11.89
N SER A 57 27.75 2.98 13.11
CA SER A 57 27.51 3.84 14.26
C SER A 57 28.29 3.45 15.52
N GLY A 58 29.03 2.33 15.50
CA GLY A 58 29.71 1.83 16.68
C GLY A 58 28.82 1.13 17.68
N LEU A 59 27.51 1.15 17.50
CA LEU A 59 26.58 0.61 18.49
C LEU A 59 26.38 -0.88 18.34
N THR A 60 26.25 -1.57 19.46
CA THR A 60 25.74 -2.92 19.51
C THR A 60 24.46 -2.89 20.33
N VAL A 61 23.68 -3.95 20.21
CA VAL A 61 22.35 -3.96 20.77
C VAL A 61 22.10 -5.30 21.45
N ASP A 62 21.29 -5.26 22.50
CA ASP A 62 20.89 -6.50 23.17
C ASP A 62 19.86 -7.25 22.32
N ALA A 63 18.87 -6.52 21.79
CA ALA A 63 17.77 -7.13 21.07
C ALA A 63 17.37 -6.26 19.89
N LEU A 64 17.28 -6.88 18.73
CA LEU A 64 16.65 -6.28 17.56
C LEU A 64 15.32 -6.97 17.33
N HIS A 65 14.30 -6.18 16.97
CA HIS A 65 12.96 -6.69 16.70
C HIS A 65 12.56 -6.41 15.27
N LYS A 66 12.14 -7.46 14.56
CA LYS A 66 11.63 -7.33 13.20
C LYS A 66 10.40 -6.43 13.22
N VAL A 67 10.45 -5.33 12.48
CA VAL A 67 9.30 -4.46 12.37
C VAL A 67 8.74 -4.35 10.95
N GLY A 68 9.52 -4.66 9.91
CA GLY A 68 8.90 -4.56 8.59
C GLY A 68 9.74 -5.22 7.52
N GLN A 69 9.16 -5.33 6.33
CA GLN A 69 9.92 -5.69 5.14
C GLN A 69 9.42 -4.82 4.00
N ILE A 70 10.35 -4.29 3.22
CA ILE A 70 10.03 -3.44 2.09
C ILE A 70 10.79 -3.92 0.88
N VAL A 71 10.11 -4.04 -0.25
CA VAL A 71 10.75 -4.36 -1.52
C VAL A 71 10.89 -3.07 -2.31
N PHE A 72 12.09 -2.83 -2.85
CA PHE A 72 12.33 -1.69 -3.71
C PHE A 72 12.67 -2.18 -5.11
N GLU A 73 12.04 -1.55 -6.08
CA GLU A 73 12.40 -1.71 -7.48
C GLU A 73 12.93 -0.37 -7.97
N PHE A 74 14.02 -0.43 -8.73
CA PHE A 74 14.52 0.72 -9.48
C PHE A 74 14.40 0.42 -10.97
N VAL A 75 13.85 1.36 -11.72
CA VAL A 75 13.73 1.21 -13.16
C VAL A 75 15.10 0.89 -13.74
N GLY A 76 15.15 -0.16 -14.58
CA GLY A 76 16.37 -0.56 -15.25
C GLY A 76 17.36 -1.37 -14.44
N GLU A 77 17.08 -1.61 -13.16
CA GLU A 77 17.97 -2.37 -12.30
C GLU A 77 17.44 -3.79 -12.15
N PRO A 78 18.22 -4.80 -12.55
CA PRO A 78 17.71 -6.19 -12.48
C PRO A 78 17.36 -6.68 -11.09
N GLU A 79 18.17 -6.36 -10.06
CA GLU A 79 17.96 -6.88 -8.72
C GLU A 79 16.98 -6.01 -7.94
N LEU A 80 16.09 -6.64 -7.17
CA LEU A 80 15.23 -5.86 -6.29
C LEU A 80 15.86 -5.83 -4.90
N MET A 81 15.59 -4.77 -4.14
CA MET A 81 16.04 -4.74 -2.75
C MET A 81 14.95 -5.36 -1.89
N ASP A 82 15.31 -6.37 -1.11
CA ASP A 82 14.39 -6.97 -0.16
C ASP A 82 14.94 -6.58 1.21
N VAL A 83 14.33 -5.57 1.81
CA VAL A 83 14.84 -4.92 3.00
C VAL A 83 14.09 -5.45 4.20
N HIS A 84 14.84 -5.90 5.20
CA HIS A 84 14.25 -6.30 6.47
C HIS A 84 14.55 -5.21 7.50
N VAL A 85 13.48 -4.65 8.04
CA VAL A 85 13.54 -3.48 8.90
C VAL A 85 13.41 -3.92 10.34
N PHE A 86 14.32 -3.43 11.18
CA PHE A 86 14.42 -3.79 12.58
C PHE A 86 14.33 -2.56 13.45
N CYS A 87 13.93 -2.81 14.68
CA CYS A 87 13.72 -1.77 15.66
C CYS A 87 14.47 -2.15 16.92
N THR A 88 15.01 -1.15 17.62
CA THR A 88 15.57 -1.36 18.94
C THR A 88 15.48 -0.07 19.72
N ASP A 89 15.31 -0.20 21.04
CA ASP A 89 15.31 0.94 21.95
C ASP A 89 16.58 0.93 22.78
N SER A 90 16.85 -0.15 23.52
CA SER A 90 18.09 -0.23 24.30
C SER A 90 19.30 -0.40 23.37
N ILE A 91 20.25 0.51 23.47
CA ILE A 91 21.49 0.41 22.72
C ILE A 91 22.63 0.21 23.72
N GLN A 92 23.80 -0.16 23.19
CA GLN A 92 25.01 -0.33 23.99
C GLN A 92 26.09 0.53 23.34
N GLY A 93 26.56 1.52 24.07
CA GLY A 93 27.55 2.44 23.56
C GLY A 93 26.95 3.79 23.23
N THR A 94 27.82 4.66 22.75
CA THR A 94 27.40 5.96 22.24
C THR A 94 27.66 5.98 20.74
N PRO A 95 26.70 6.48 19.94
CA PRO A 95 26.90 6.47 18.49
C PRO A 95 27.99 7.43 18.06
N VAL A 96 28.89 6.96 17.20
CA VAL A 96 29.99 7.74 16.67
C VAL A 96 29.98 7.65 15.16
N GLU A 97 30.60 8.65 14.55
CA GLU A 97 30.70 8.74 13.10
C GLU A 97 31.56 7.61 12.55
N SER A 98 31.21 7.15 11.36
CA SER A 98 31.99 6.21 10.56
C SER A 98 32.34 6.88 9.25
N ASP A 99 33.14 6.18 8.44
CA ASP A 99 33.37 6.65 7.06
C ASP A 99 32.05 6.82 6.32
N GLU A 100 31.07 5.96 6.58
CA GLU A 100 29.81 5.95 5.86
C GLU A 100 28.81 6.99 6.39
N MET A 101 28.60 7.02 7.71
CA MET A 101 27.41 7.62 8.31
C MET A 101 27.81 8.56 9.43
N ARG A 102 27.25 9.75 9.44
CA ARG A 102 27.35 10.64 10.59
C ARG A 102 26.06 10.56 11.39
N PRO A 103 26.05 9.96 12.58
CA PRO A 103 24.81 9.80 13.34
C PRO A 103 24.40 11.07 14.06
N CYS A 104 23.09 11.23 14.23
CA CYS A 104 22.48 12.31 15.00
C CYS A 104 21.14 11.87 15.55
N TRP A 105 20.82 12.36 16.75
CA TRP A 105 19.50 12.14 17.32
C TRP A 105 18.50 13.14 16.75
N PHE A 106 17.23 12.71 16.68
CA PHE A 106 16.14 13.59 16.25
C PHE A 106 14.93 13.41 17.16
N GLN A 107 14.35 14.51 17.61
CA GLN A 107 13.03 14.45 18.23
C GLN A 107 12.02 13.90 17.22
N LEU A 108 11.04 13.14 17.73
CA LEU A 108 10.13 12.42 16.84
C LEU A 108 9.26 13.37 16.02
N ASP A 109 9.04 14.60 16.47
CA ASP A 109 8.32 15.57 15.67
C ASP A 109 9.25 16.46 14.86
N GLN A 110 10.53 16.08 14.75
CA GLN A 110 11.48 16.84 13.94
C GLN A 110 12.30 15.91 13.07
N ILE A 111 11.71 14.82 12.64
CA ILE A 111 12.36 13.91 11.69
C ILE A 111 12.50 14.62 10.35
N PRO A 112 13.69 14.66 9.76
CA PRO A 112 13.92 15.51 8.58
C PRO A 112 13.47 14.83 7.29
N PHE A 113 12.15 14.68 7.14
CA PHE A 113 11.63 13.85 6.06
C PHE A 113 12.06 14.37 4.70
N LYS A 114 12.20 15.69 4.55
CA LYS A 114 12.55 16.25 3.25
C LYS A 114 13.99 15.91 2.87
N ASP A 115 14.84 15.54 3.83
CA ASP A 115 16.21 15.11 3.55
C ASP A 115 16.39 13.62 3.78
N MET A 116 15.30 12.87 3.74
CA MET A 116 15.33 11.42 3.80
C MET A 116 14.80 10.85 2.49
N TRP A 117 15.07 9.56 2.28
CA TRP A 117 14.50 8.88 1.13
C TRP A 117 12.97 9.04 1.13
N PRO A 118 12.36 9.29 -0.03
CA PRO A 118 10.91 9.62 -0.04
C PRO A 118 10.04 8.53 0.58
N ASP A 119 10.39 7.27 0.38
CA ASP A 119 9.56 6.19 0.89
C ASP A 119 9.42 6.26 2.41
N ASP A 120 10.36 6.91 3.09
CA ASP A 120 10.30 6.96 4.54
C ASP A 120 9.08 7.74 5.02
N SER A 121 8.68 8.77 4.26
CA SER A 121 7.48 9.53 4.64
C SER A 121 6.26 8.64 4.64
N TYR A 122 6.27 7.58 3.84
CA TYR A 122 5.13 6.70 3.80
C TYR A 122 5.19 5.71 4.94
N TRP A 123 6.36 5.13 5.22
CA TRP A 123 6.33 4.00 6.13
C TRP A 123 6.84 4.31 7.52
N PHE A 124 7.61 5.39 7.68
CA PHE A 124 8.01 5.79 9.04
C PHE A 124 6.86 5.93 10.01
N PRO A 125 5.71 6.52 9.65
CA PRO A 125 4.62 6.58 10.64
C PRO A 125 4.24 5.24 11.18
N LEU A 126 4.15 4.21 10.34
CA LEU A 126 3.81 2.89 10.84
C LEU A 126 4.89 2.38 11.80
N LEU A 127 6.15 2.64 11.49
CA LEU A 127 7.22 2.34 12.43
C LEU A 127 7.01 3.06 13.75
N LEU A 128 6.63 4.35 13.69
CA LEU A 128 6.52 5.13 14.92
C LEU A 128 5.35 4.64 15.77
N GLN A 129 4.33 4.05 15.14
CA GLN A 129 3.24 3.48 15.91
C GLN A 129 3.54 2.07 16.40
N LYS A 130 4.74 1.56 16.16
CA LYS A 130 5.08 0.18 16.48
C LYS A 130 4.07 -0.79 15.86
N LYS A 131 3.71 -0.56 14.61
CA LYS A 131 2.96 -1.53 13.83
C LYS A 131 3.90 -2.19 12.82
N LYS A 132 3.69 -3.47 12.59
CA LYS A 132 4.46 -4.20 11.61
C LYS A 132 3.82 -4.02 10.24
N PHE A 133 4.66 -3.92 9.22
CA PHE A 133 4.20 -3.52 7.89
C PHE A 133 4.98 -4.27 6.82
N HIS A 134 4.35 -4.32 5.65
CA HIS A 134 4.94 -4.73 4.38
C HIS A 134 4.80 -3.58 3.39
N GLY A 135 5.88 -3.30 2.67
CA GLY A 135 5.88 -2.23 1.70
C GLY A 135 6.49 -2.66 0.38
N TYR A 136 6.10 -1.95 -0.67
CA TYR A 136 6.73 -2.07 -1.97
C TYR A 136 6.83 -0.65 -2.54
N PHE A 137 8.00 -0.27 -3.03
CA PHE A 137 8.18 1.04 -3.67
C PHE A 137 8.99 0.87 -4.94
N LYS A 138 8.43 1.38 -6.06
CA LYS A 138 9.06 1.41 -7.37
C LYS A 138 9.58 2.81 -7.64
N PHE A 139 10.90 2.95 -7.66
CA PHE A 139 11.54 4.22 -7.92
C PHE A 139 11.91 4.35 -9.40
N GLN A 140 11.99 5.58 -9.87
CA GLN A 140 12.70 5.94 -11.09
C GLN A 140 13.81 6.91 -10.70
N GLY A 141 15.06 6.44 -10.76
CA GLY A 141 16.07 7.28 -10.18
C GLY A 141 15.89 7.29 -8.66
N GLN A 142 16.45 8.31 -8.03
CA GLN A 142 16.48 8.34 -6.58
C GLN A 142 15.45 9.28 -5.97
N ASP A 143 14.61 9.93 -6.78
CA ASP A 143 13.68 10.92 -6.28
C ASP A 143 12.21 10.59 -6.53
N THR A 144 11.90 9.82 -7.56
CA THR A 144 10.52 9.67 -8.01
C THR A 144 10.03 8.27 -7.68
N ILE A 145 8.94 8.21 -6.94
CA ILE A 145 8.26 6.95 -6.65
C ILE A 145 7.13 6.81 -7.66
N LEU A 146 7.22 5.81 -8.53
CA LEU A 146 6.18 5.60 -9.54
C LEU A 146 5.01 4.80 -8.99
N ASP A 147 5.27 3.81 -8.14
CA ASP A 147 4.23 2.93 -7.63
C ASP A 147 4.59 2.55 -6.21
N TYR A 148 3.58 2.31 -5.39
CA TYR A 148 3.91 1.78 -4.08
C TYR A 148 2.69 1.09 -3.50
N THR A 149 2.96 0.10 -2.65
CA THR A 149 1.97 -0.49 -1.79
C THR A 149 2.47 -0.46 -0.36
N LEU A 150 1.54 -0.44 0.57
CA LEU A 150 1.89 -0.37 1.98
C LEU A 150 0.73 -0.94 2.77
N ARG A 151 1.00 -1.94 3.61
CA ARG A 151 -0.02 -2.52 4.47
C ARG A 151 0.59 -2.91 5.81
N GLU A 152 -0.24 -2.95 6.85
CA GLU A 152 0.14 -3.53 8.12
C GLU A 152 -0.01 -5.06 8.10
N VAL A 153 0.86 -5.75 8.83
CA VAL A 153 0.85 -7.22 8.85
C VAL A 153 0.81 -7.72 10.30
N ASP A 154 0.42 -8.98 10.47
CA ASP A 154 0.55 -9.65 11.76
C ASP A 154 1.96 -10.21 11.94
N THR A 155 2.52 -10.74 10.86
CA THR A 155 3.84 -11.34 10.87
C THR A 155 4.66 -10.67 9.77
N VAL A 156 5.81 -10.10 10.13
CA VAL A 156 6.72 -9.51 9.16
C VAL A 156 7.35 -10.60 8.30
N GLY B 2 -7.50 17.37 -9.33
CA GLY B 2 -8.36 17.93 -10.36
C GLY B 2 -9.84 17.55 -10.26
N ALA B 3 -10.57 17.81 -11.34
CA ALA B 3 -12.00 17.54 -11.41
C ALA B 3 -12.26 16.02 -11.43
N SER B 4 -12.92 15.52 -10.39
CA SER B 4 -13.24 14.11 -10.26
C SER B 4 -14.75 13.91 -10.27
N ARG B 5 -15.19 12.68 -10.50
CA ARG B 5 -16.61 12.35 -10.48
C ARG B 5 -16.84 11.19 -9.53
N LEU B 6 -17.85 11.29 -8.69
CA LEU B 6 -18.02 10.30 -7.63
C LEU B 6 -18.70 9.06 -8.19
N TYR B 7 -18.20 7.88 -7.77
CA TYR B 7 -18.78 6.61 -8.13
C TYR B 7 -18.90 5.73 -6.90
N THR B 8 -19.77 4.74 -6.98
CA THR B 8 -19.89 3.72 -5.97
C THR B 8 -19.61 2.36 -6.58
N LEU B 9 -19.00 1.52 -5.75
CA LEU B 9 -18.68 0.14 -6.09
C LEU B 9 -18.95 -0.64 -4.82
N VAL B 10 -19.77 -1.68 -4.95
CA VAL B 10 -20.33 -2.43 -3.83
C VAL B 10 -20.03 -3.91 -4.06
N LEU B 11 -19.39 -4.53 -3.07
CA LEU B 11 -19.06 -5.95 -3.09
C LEU B 11 -19.87 -6.66 -2.02
N VAL B 12 -20.77 -7.55 -2.45
CA VAL B 12 -21.46 -8.45 -1.52
C VAL B 12 -20.55 -9.63 -1.26
N LEU B 13 -20.01 -9.71 -0.04
CA LEU B 13 -18.94 -10.66 0.24
C LEU B 13 -19.28 -11.68 1.32
N VAL B 18 -18.47 -14.47 -3.19
CA VAL B 18 -18.68 -13.05 -3.50
C VAL B 18 -19.60 -12.90 -4.72
N LEU B 19 -20.45 -11.90 -4.63
CA LEU B 19 -21.45 -11.62 -5.64
C LEU B 19 -20.84 -10.68 -6.66
N LEU B 20 -20.85 -11.07 -7.94
CA LEU B 20 -20.34 -10.16 -8.97
C LEU B 20 -21.39 -10.02 -10.06
N GLY B 21 -21.28 -8.94 -10.83
CA GLY B 21 -22.23 -8.73 -11.91
C GLY B 21 -21.57 -8.57 -13.26
N MET B 22 -22.05 -9.32 -14.24
CA MET B 22 -21.56 -9.24 -15.61
C MET B 22 -22.21 -8.06 -16.33
N LYS B 23 -21.39 -7.10 -16.74
CA LYS B 23 -21.87 -5.92 -17.45
C LYS B 23 -22.32 -6.29 -18.86
N LYS B 24 -23.54 -5.93 -19.21
CA LYS B 24 -24.16 -6.41 -20.45
C LYS B 24 -24.00 -5.46 -21.64
N ARG B 25 -23.67 -4.19 -21.40
CA ARG B 25 -23.49 -3.22 -22.47
C ARG B 25 -22.92 -1.94 -21.85
N GLY B 26 -22.50 -1.02 -22.71
CA GLY B 26 -21.91 0.23 -22.26
C GLY B 26 -20.44 0.02 -21.93
N PHE B 27 -19.89 1.01 -21.22
CA PHE B 27 -18.49 0.95 -20.79
C PHE B 27 -18.24 -0.29 -19.94
N GLY B 28 -17.15 -0.99 -20.22
CA GLY B 28 -16.81 -2.16 -19.43
C GLY B 28 -17.67 -3.39 -19.65
N ALA B 29 -18.42 -3.43 -20.75
CA ALA B 29 -19.26 -4.60 -21.01
C ALA B 29 -18.39 -5.83 -21.26
N GLY B 30 -18.84 -6.98 -20.75
CA GLY B 30 -18.10 -8.21 -20.88
C GLY B 30 -17.22 -8.54 -19.69
N ARG B 31 -17.16 -7.66 -18.71
CA ARG B 31 -16.39 -7.88 -17.50
C ARG B 31 -17.31 -8.07 -16.31
N TRP B 32 -16.84 -8.86 -15.35
CA TRP B 32 -17.50 -8.95 -14.06
C TRP B 32 -16.99 -7.85 -13.16
N ASN B 33 -17.87 -7.36 -12.28
CA ASN B 33 -17.49 -6.31 -11.36
C ASN B 33 -18.51 -6.25 -10.22
N GLY B 34 -18.14 -5.52 -9.18
CA GLY B 34 -19.12 -5.17 -8.17
C GLY B 34 -20.20 -4.27 -8.75
N PHE B 35 -21.21 -4.03 -7.95
CA PHE B 35 -22.33 -3.23 -8.43
C PHE B 35 -22.12 -1.78 -8.06
N GLY B 36 -22.52 -0.88 -8.94
CA GLY B 36 -22.28 0.52 -8.68
C GLY B 36 -22.34 1.35 -9.94
N GLY B 37 -22.04 2.63 -9.75
CA GLY B 37 -22.19 3.59 -10.82
C GLY B 37 -22.07 5.02 -10.29
N LYS B 38 -22.46 5.95 -11.15
CA LYS B 38 -22.34 7.38 -10.86
C LYS B 38 -23.21 7.75 -9.66
N VAL B 39 -22.66 8.60 -8.79
CA VAL B 39 -23.43 9.15 -7.67
C VAL B 39 -24.21 10.36 -8.16
N GLN B 40 -25.50 10.43 -7.81
CA GLN B 40 -26.36 11.51 -8.31
C GLN B 40 -26.40 12.67 -7.32
N GLU B 41 -26.84 13.83 -7.80
CA GLU B 41 -27.05 14.95 -6.88
C GLU B 41 -28.28 14.72 -6.04
N GLY B 42 -28.19 15.11 -4.77
CA GLY B 42 -29.28 14.94 -3.83
C GLY B 42 -29.28 13.64 -3.05
N GLU B 43 -28.25 12.80 -3.21
CA GLU B 43 -28.12 11.55 -2.46
C GLU B 43 -26.74 11.48 -1.83
N THR B 44 -26.64 10.88 -0.65
CA THR B 44 -25.33 10.60 -0.12
C THR B 44 -24.61 9.59 -1.02
N ILE B 45 -23.29 9.48 -0.81
CA ILE B 45 -22.55 8.48 -1.56
C ILE B 45 -23.11 7.09 -1.26
N GLU B 46 -23.42 6.81 0.00
CA GLU B 46 -23.88 5.46 0.30
C GLU B 46 -25.32 5.24 -0.15
N ASP B 47 -26.16 6.28 -0.09
CA ASP B 47 -27.44 6.23 -0.78
C ASP B 47 -27.21 5.79 -2.22
N GLY B 48 -26.30 6.47 -2.93
CA GLY B 48 -25.99 6.09 -4.29
C GLY B 48 -25.59 4.62 -4.40
N ALA B 49 -24.79 4.13 -3.44
CA ALA B 49 -24.35 2.73 -3.49
C ALA B 49 -25.52 1.78 -3.34
N ARG B 50 -26.45 2.06 -2.41
CA ARG B 50 -27.60 1.19 -2.23
C ARG B 50 -28.54 1.27 -3.42
N ARG B 51 -28.69 2.46 -4.01
CA ARG B 51 -29.56 2.57 -5.18
C ARG B 51 -28.99 1.78 -6.36
N GLU B 52 -27.71 1.97 -6.69
CA GLU B 52 -27.15 1.20 -7.79
C GLU B 52 -27.21 -0.28 -7.50
N LEU B 53 -27.02 -0.68 -6.24
CA LEU B 53 -27.06 -2.10 -5.93
C LEU B 53 -28.45 -2.66 -6.18
N GLN B 54 -29.49 -1.89 -5.85
CA GLN B 54 -30.85 -2.31 -6.15
C GLN B 54 -31.12 -2.33 -7.65
N GLU B 55 -30.74 -1.26 -8.36
CA GLU B 55 -31.01 -1.18 -9.78
C GLU B 55 -30.38 -2.35 -10.52
N GLU B 56 -29.21 -2.80 -10.09
CA GLU B 56 -28.49 -3.80 -10.87
C GLU B 56 -28.69 -5.22 -10.36
N SER B 57 -29.17 -5.40 -9.13
CA SER B 57 -29.34 -6.76 -8.62
C SER B 57 -30.66 -6.98 -7.90
N GLY B 58 -31.47 -5.94 -7.68
CA GLY B 58 -32.68 -6.07 -6.90
C GLY B 58 -32.46 -6.11 -5.41
N LEU B 59 -31.21 -6.19 -4.94
CA LEU B 59 -30.94 -6.42 -3.53
C LEU B 59 -30.95 -5.12 -2.75
N THR B 60 -31.48 -5.18 -1.53
CA THR B 60 -31.31 -4.16 -0.53
C THR B 60 -30.55 -4.77 0.63
N VAL B 61 -29.98 -3.92 1.48
CA VAL B 61 -29.14 -4.40 2.57
C VAL B 61 -29.42 -3.57 3.83
N ASP B 62 -29.19 -4.18 4.98
CA ASP B 62 -29.35 -3.49 6.25
C ASP B 62 -28.23 -2.48 6.47
N ALA B 63 -26.98 -2.87 6.22
CA ALA B 63 -25.83 -2.02 6.46
C ALA B 63 -24.79 -2.23 5.37
N LEU B 64 -24.30 -1.13 4.80
CA LEU B 64 -23.11 -1.13 3.97
C LEU B 64 -21.94 -0.55 4.75
N HIS B 65 -20.76 -1.12 4.57
CA HIS B 65 -19.59 -0.63 5.29
C HIS B 65 -18.54 -0.12 4.32
N LYS B 66 -18.08 1.11 4.56
CA LYS B 66 -16.93 1.69 3.88
C LYS B 66 -15.74 0.75 4.02
N VAL B 67 -15.23 0.33 2.86
CA VAL B 67 -13.97 -0.39 2.81
C VAL B 67 -12.91 0.31 1.98
N GLY B 68 -13.28 1.21 1.07
CA GLY B 68 -12.19 1.80 0.32
C GLY B 68 -12.59 3.03 -0.45
N GLN B 69 -11.55 3.68 -0.96
CA GLN B 69 -11.70 4.70 -1.98
C GLN B 69 -10.56 4.51 -2.96
N ILE B 70 -10.90 4.55 -4.25
CA ILE B 70 -9.93 4.38 -5.33
C ILE B 70 -10.14 5.51 -6.31
N VAL B 71 -9.04 6.15 -6.73
CA VAL B 71 -9.10 7.12 -7.80
C VAL B 71 -8.59 6.43 -9.07
N PHE B 72 -9.32 6.60 -10.16
CA PHE B 72 -8.90 6.10 -11.47
C PHE B 72 -8.64 7.29 -12.39
N GLU B 73 -7.50 7.25 -13.08
CA GLU B 73 -7.19 8.19 -14.13
C GLU B 73 -7.00 7.42 -15.43
N PHE B 74 -7.52 7.99 -16.52
CA PHE B 74 -7.31 7.44 -17.85
C PHE B 74 -6.54 8.44 -18.70
N VAL B 75 -5.51 7.94 -19.40
CA VAL B 75 -4.77 8.78 -20.33
C VAL B 75 -5.74 9.42 -21.30
N GLY B 76 -5.65 10.73 -21.47
CA GLY B 76 -6.53 11.43 -22.37
C GLY B 76 -7.90 11.77 -21.83
N GLU B 77 -8.22 11.38 -20.59
CA GLU B 77 -9.48 11.76 -19.95
C GLU B 77 -9.22 12.81 -18.88
N PRO B 78 -9.76 14.02 -19.02
CA PRO B 78 -9.58 15.04 -17.96
C PRO B 78 -10.23 14.65 -16.65
N GLU B 79 -11.38 13.99 -16.70
CA GLU B 79 -12.14 13.69 -15.50
C GLU B 79 -11.63 12.41 -14.85
N LEU B 80 -11.48 12.43 -13.54
CA LEU B 80 -11.09 11.27 -12.77
C LEU B 80 -12.30 10.61 -12.14
N MET B 81 -12.22 9.31 -11.93
CA MET B 81 -13.26 8.66 -11.14
C MET B 81 -12.80 8.63 -9.70
N ASP B 82 -13.65 9.11 -8.81
CA ASP B 82 -13.41 9.00 -7.37
C ASP B 82 -14.43 7.98 -6.86
N VAL B 83 -13.95 6.75 -6.68
CA VAL B 83 -14.81 5.60 -6.46
C VAL B 83 -14.80 5.27 -4.98
N HIS B 84 -15.99 5.18 -4.39
CA HIS B 84 -16.14 4.78 -3.01
C HIS B 84 -16.60 3.34 -2.96
N VAL B 85 -15.80 2.51 -2.28
CA VAL B 85 -15.96 1.06 -2.27
C VAL B 85 -16.63 0.68 -0.96
N PHE B 86 -17.69 -0.12 -1.06
CA PHE B 86 -18.46 -0.55 0.09
C PHE B 86 -18.54 -2.07 0.13
N CYS B 87 -18.82 -2.58 1.32
CA CYS B 87 -18.93 -4.01 1.55
C CYS B 87 -20.22 -4.32 2.30
N THR B 88 -20.80 -5.49 2.01
CA THR B 88 -21.92 -6.01 2.78
C THR B 88 -21.83 -7.52 2.76
N ASP B 89 -22.19 -8.13 3.89
CA ASP B 89 -22.27 -9.58 4.01
C ASP B 89 -23.71 -10.02 4.13
N SER B 90 -24.39 -9.67 5.21
CA SER B 90 -25.81 -10.00 5.32
C SER B 90 -26.60 -9.13 4.36
N ILE B 91 -27.31 -9.78 3.43
CA ILE B 91 -28.19 -9.13 2.48
C ILE B 91 -29.63 -9.55 2.76
N GLN B 92 -30.58 -8.86 2.15
CA GLN B 92 -32.00 -9.20 2.25
C GLN B 92 -32.58 -9.33 0.85
N GLY B 93 -33.06 -10.53 0.51
CA GLY B 93 -33.57 -10.82 -0.80
C GLY B 93 -32.64 -11.72 -1.59
N THR B 94 -33.07 -12.05 -2.82
CA THR B 94 -32.32 -12.87 -3.76
C THR B 94 -31.92 -12.04 -4.96
N PRO B 95 -30.65 -12.09 -5.38
CA PRO B 95 -30.22 -11.25 -6.50
C PRO B 95 -30.80 -11.75 -7.82
N VAL B 96 -31.34 -10.82 -8.61
CA VAL B 96 -31.91 -11.16 -9.90
C VAL B 96 -31.26 -10.29 -10.97
N GLU B 97 -31.30 -10.79 -12.19
CA GLU B 97 -30.74 -10.08 -13.32
C GLU B 97 -31.48 -8.77 -13.58
N SER B 98 -30.73 -7.77 -14.00
CA SER B 98 -31.30 -6.50 -14.43
C SER B 98 -30.90 -6.26 -15.88
N ASP B 99 -31.37 -5.13 -16.43
CA ASP B 99 -31.03 -4.80 -17.81
C ASP B 99 -29.54 -4.59 -17.99
N GLU B 100 -28.86 -4.14 -16.94
CA GLU B 100 -27.47 -3.71 -17.02
C GLU B 100 -26.49 -4.77 -16.57
N MET B 101 -26.87 -5.55 -15.56
CA MET B 101 -25.95 -6.48 -14.91
C MET B 101 -26.60 -7.84 -14.76
N ARG B 102 -25.89 -8.89 -15.18
CA ARG B 102 -26.31 -10.24 -14.84
C ARG B 102 -25.45 -10.71 -13.67
N PRO B 103 -26.00 -10.80 -12.46
CA PRO B 103 -25.19 -11.24 -11.33
C PRO B 103 -24.98 -12.75 -11.34
N CYS B 104 -23.86 -13.17 -10.76
CA CYS B 104 -23.56 -14.56 -10.51
C CYS B 104 -22.66 -14.63 -9.28
N TRP B 105 -22.87 -15.66 -8.47
CA TRP B 105 -22.03 -15.90 -7.31
C TRP B 105 -20.72 -16.53 -7.76
N PHE B 106 -19.65 -16.24 -7.01
CA PHE B 106 -18.34 -16.83 -7.27
C PHE B 106 -17.68 -17.26 -5.96
N GLN B 107 -17.24 -18.51 -5.95
CA GLN B 107 -16.34 -19.04 -4.93
C GLN B 107 -15.13 -18.14 -4.82
N LEU B 108 -14.63 -17.96 -3.59
CA LEU B 108 -13.49 -17.07 -3.38
C LEU B 108 -12.20 -17.57 -4.02
N ASP B 109 -12.08 -18.88 -4.30
CA ASP B 109 -10.92 -19.40 -5.02
C ASP B 109 -11.16 -19.45 -6.54
N GLN B 110 -12.25 -18.86 -7.02
CA GLN B 110 -12.57 -18.81 -8.44
C GLN B 110 -13.09 -17.42 -8.81
N ILE B 111 -12.52 -16.38 -8.21
CA ILE B 111 -12.84 -15.02 -8.65
C ILE B 111 -12.26 -14.86 -10.05
N PRO B 112 -13.08 -14.48 -11.05
CA PRO B 112 -12.65 -14.52 -12.47
C PRO B 112 -11.83 -13.31 -12.88
N PHE B 113 -10.61 -13.23 -12.32
CA PHE B 113 -9.78 -12.02 -12.41
C PHE B 113 -9.41 -11.65 -13.83
N LYS B 114 -9.28 -12.61 -14.74
CA LYS B 114 -8.89 -12.23 -16.09
C LYS B 114 -10.08 -11.69 -16.92
N ASP B 115 -11.31 -11.84 -16.45
CA ASP B 115 -12.44 -11.16 -17.06
C ASP B 115 -12.99 -10.07 -16.16
N MET B 116 -12.16 -9.57 -15.24
CA MET B 116 -12.49 -8.39 -14.46
C MET B 116 -11.51 -7.28 -14.79
N TRP B 117 -11.89 -6.08 -14.43
CA TRP B 117 -10.99 -4.95 -14.56
C TRP B 117 -9.66 -5.27 -13.89
N PRO B 118 -8.53 -4.93 -14.51
CA PRO B 118 -7.22 -5.38 -13.97
C PRO B 118 -6.92 -4.87 -12.57
N ASP B 119 -7.40 -3.68 -12.22
CA ASP B 119 -7.12 -3.12 -10.91
C ASP B 119 -7.63 -4.03 -9.79
N ASP B 120 -8.65 -4.84 -10.08
CA ASP B 120 -9.20 -5.72 -9.05
C ASP B 120 -8.21 -6.76 -8.60
N SER B 121 -7.30 -7.20 -9.48
CA SER B 121 -6.30 -8.15 -9.01
C SER B 121 -5.40 -7.52 -7.94
N TYR B 122 -5.26 -6.19 -7.94
CA TYR B 122 -4.38 -5.52 -6.98
C TYR B 122 -5.06 -5.32 -5.62
N TRP B 123 -6.30 -4.84 -5.59
CA TRP B 123 -6.89 -4.39 -4.34
C TRP B 123 -7.88 -5.38 -3.74
N PHE B 124 -8.32 -6.39 -4.51
CA PHE B 124 -9.15 -7.43 -3.93
C PHE B 124 -8.52 -8.16 -2.76
N PRO B 125 -7.22 -8.49 -2.76
CA PRO B 125 -6.64 -9.11 -1.55
C PRO B 125 -6.91 -8.31 -0.28
N LEU B 126 -6.75 -6.98 -0.33
CA LEU B 126 -7.05 -6.16 0.84
C LEU B 126 -8.52 -6.25 1.21
N LEU B 127 -9.38 -6.31 0.21
CA LEU B 127 -10.80 -6.55 0.48
C LEU B 127 -10.99 -7.88 1.22
N LEU B 128 -10.33 -8.94 0.75
CA LEU B 128 -10.61 -10.26 1.30
C LEU B 128 -10.10 -10.40 2.72
N GLN B 129 -9.06 -9.64 3.09
CA GLN B 129 -8.56 -9.58 4.46
C GLN B 129 -9.35 -8.61 5.32
N LYS B 130 -10.44 -8.05 4.79
CA LYS B 130 -11.25 -7.04 5.48
C LYS B 130 -10.40 -5.89 5.98
N LYS B 131 -9.50 -5.39 5.14
CA LYS B 131 -8.75 -4.17 5.41
C LYS B 131 -9.30 -3.01 4.59
N LYS B 132 -9.23 -1.81 5.18
CA LYS B 132 -9.63 -0.58 4.49
C LYS B 132 -8.44 -0.04 3.72
N PHE B 133 -8.70 0.53 2.54
CA PHE B 133 -7.60 0.92 1.67
C PHE B 133 -7.92 2.20 0.88
N HIS B 134 -6.84 2.85 0.43
CA HIS B 134 -6.89 3.91 -0.55
C HIS B 134 -6.07 3.43 -1.74
N GLY B 135 -6.61 3.61 -2.94
CA GLY B 135 -5.92 3.18 -4.15
C GLY B 135 -5.95 4.26 -5.21
N TYR B 136 -4.95 4.22 -6.08
CA TYR B 136 -4.91 5.07 -7.26
C TYR B 136 -4.39 4.23 -8.42
N PHE B 137 -5.07 4.29 -9.57
CA PHE B 137 -4.62 3.54 -10.75
C PHE B 137 -4.75 4.42 -11.98
N LYS B 138 -3.66 4.55 -12.73
CA LYS B 138 -3.70 5.26 -14.00
C LYS B 138 -3.76 4.25 -15.14
N PHE B 139 -4.89 4.22 -15.84
CA PHE B 139 -5.06 3.30 -16.96
C PHE B 139 -4.60 3.97 -18.24
N GLN B 140 -4.21 3.15 -19.21
CA GLN B 140 -4.06 3.55 -20.60
C GLN B 140 -4.99 2.64 -21.39
N GLY B 141 -6.10 3.19 -21.88
CA GLY B 141 -7.08 2.29 -22.43
C GLY B 141 -7.73 1.51 -21.31
N GLN B 142 -8.34 0.40 -21.68
CA GLN B 142 -9.10 -0.39 -20.73
C GLN B 142 -8.35 -1.64 -20.25
N ASP B 143 -7.12 -1.85 -20.71
CA ASP B 143 -6.37 -3.06 -20.40
C ASP B 143 -5.10 -2.82 -19.60
N THR B 144 -4.50 -1.63 -19.71
CA THR B 144 -3.15 -1.36 -19.23
C THR B 144 -3.19 -0.45 -18.01
N ILE B 145 -2.54 -0.87 -16.92
CA ILE B 145 -2.31 0.00 -15.77
C ILE B 145 -0.88 0.52 -15.83
N LEU B 146 -0.71 1.84 -16.00
CA LEU B 146 0.64 2.37 -16.10
C LEU B 146 1.27 2.55 -14.72
N ASP B 147 0.48 3.00 -13.74
CA ASP B 147 0.96 3.30 -12.40
C ASP B 147 -0.15 3.05 -11.40
N TYR B 148 0.25 2.78 -10.17
CA TYR B 148 -0.75 2.59 -9.13
C TYR B 148 -0.14 2.81 -7.75
N THR B 149 -0.97 3.21 -6.80
CA THR B 149 -0.63 3.19 -5.40
C THR B 149 -1.75 2.45 -4.67
N LEU B 150 -1.41 1.87 -3.52
CA LEU B 150 -2.42 1.17 -2.74
C LEU B 150 -1.87 1.12 -1.32
N ARG B 151 -2.65 1.62 -0.36
CA ARG B 151 -2.22 1.49 1.02
C ARG B 151 -3.43 1.19 1.88
N GLU B 152 -3.20 0.44 2.95
CA GLU B 152 -4.24 0.22 3.94
C GLU B 152 -4.35 1.48 4.79
N VAL B 153 -5.59 1.82 5.17
CA VAL B 153 -5.88 3.03 5.94
C VAL B 153 -6.64 2.66 7.19
N ASP B 154 -6.62 3.60 8.14
CA ASP B 154 -7.48 3.60 9.32
C ASP B 154 -8.84 4.24 9.02
N THR B 155 -8.83 5.31 8.23
CA THR B 155 -10.04 6.05 7.89
C THR B 155 -10.18 6.07 6.38
N VAL B 156 -11.25 5.47 5.86
CA VAL B 156 -11.53 5.53 4.43
C VAL B 156 -11.92 6.96 4.03
#